data_9OQ0
#
_entry.id   9OQ0
#
_cell.length_a   1.00
_cell.length_b   1.00
_cell.length_c   1.00
_cell.angle_alpha   90.00
_cell.angle_beta   90.00
_cell.angle_gamma   90.00
#
_symmetry.space_group_name_H-M   'P 1'
#
loop_
_entity.id
_entity.type
_entity.pdbx_description
1 polymer 'Taste receptor type 1 member 2'
2 polymer 'Taste receptor type 1 member 3'
#
loop_
_entity_poly.entity_id
_entity_poly.type
_entity_poly.pdbx_seq_one_letter_code
_entity_poly.pdbx_strand_id
1 'polypeptide(L)'
;RQLVFLEWHEAPTIAVALLAALGFLSTLAILVIFWRHFQTPIVRSAGGPMCFLMLTLLLVAYMVVPVYVGPPKVSTCLCR
QALFPLCFTICISCIAVRSFQIVCAFKMASRFPRAYSYWVRYQGPYVSMAFITVLKMVIVVIGMLATGLSPTTRTDPDDP
KITIVSCNPNYRNSLLFNTSLDLLLSVVGFSFAYMGKELPTNYNEAKFITLSMTFYFTSSVSLCTFMSAYSGVLVTIVDL
LVTVLNLLAISLGYFGPKCYMILFYPERNTPAYFNSMI
;
A
2 'polypeptide(L)'
;PRRPKFLAWGEPVVLSLLLLLCLVLGLALAALGLSVHHWDSPLVQASGGSQFCFGLICLGLFCLSVLLFPGRPSSASCLA
QQPMAHLPLTGCLSTLFLQAAETFVESELPLSWANWLCSYLRGLWAWLVVLLATFVEAALCAWYLIAFPPEVVTDWSVLP
TEVLEHCHVRSWVSLGLVHITNAMLAFLCFLGTFLVQSQPGRYNRARGLTFAMLAYFITWVSFVPLLANVQVAYQPAVQM
GAILVCALGILVTFHLPKCYVLLWLPKLNTQEFFL
;
B
#
# COMPACT_ATOMS: atom_id res chain seq x y z
N ARG A 1 36.67 -16.70 -3.97
CA ARG A 1 35.30 -16.13 -4.13
C ARG A 1 35.35 -14.61 -4.06
N GLN A 2 34.30 -13.98 -4.60
CA GLN A 2 34.31 -12.55 -4.88
C GLN A 2 33.37 -11.82 -3.94
N LEU A 3 33.89 -10.79 -3.27
CA LEU A 3 33.09 -9.96 -2.37
C LEU A 3 32.20 -9.03 -3.17
N VAL A 4 31.00 -8.78 -2.64
CA VAL A 4 30.05 -7.85 -3.26
C VAL A 4 29.47 -6.93 -2.20
N PHE A 5 29.43 -5.64 -2.52
CA PHE A 5 28.83 -4.60 -1.70
C PHE A 5 28.62 -3.38 -2.59
N LEU A 6 27.80 -2.45 -2.10
CA LEU A 6 27.47 -1.26 -2.89
C LEU A 6 28.72 -0.42 -3.14
N GLU A 7 28.81 0.13 -4.36
CA GLU A 7 29.91 1.00 -4.73
C GLU A 7 29.41 2.01 -5.76
N TRP A 8 30.14 3.12 -5.88
CA TRP A 8 29.74 4.22 -6.75
C TRP A 8 29.79 3.87 -8.23
N HIS A 9 30.44 2.75 -8.60
CA HIS A 9 30.42 2.33 -9.99
C HIS A 9 29.02 1.94 -10.45
N GLU A 10 28.11 1.73 -9.52
CA GLU A 10 26.76 1.24 -9.82
C GLU A 10 25.81 2.42 -10.00
N ALA A 11 25.13 2.45 -11.14
CA ALA A 11 24.18 3.52 -11.42
C ALA A 11 23.12 3.69 -10.33
N PRO A 12 22.43 2.64 -9.87
CA PRO A 12 21.45 2.84 -8.80
C PRO A 12 22.05 3.32 -7.50
N THR A 13 23.29 2.95 -7.18
CA THR A 13 23.89 3.42 -5.93
C THR A 13 24.09 4.93 -5.96
N ILE A 14 24.73 5.43 -7.01
CA ILE A 14 24.91 6.87 -7.15
C ILE A 14 23.56 7.56 -7.30
N ALA A 15 22.59 6.88 -7.91
CA ALA A 15 21.25 7.45 -8.01
C ALA A 15 20.63 7.67 -6.63
N VAL A 16 20.77 6.68 -5.74
CA VAL A 16 20.29 6.85 -4.37
C VAL A 16 21.07 7.95 -3.66
N ALA A 17 22.37 8.04 -3.93
CA ALA A 17 23.17 9.11 -3.33
C ALA A 17 22.67 10.48 -3.77
N LEU A 18 22.36 10.61 -5.07
CA LEU A 18 21.83 11.87 -5.59
C LEU A 18 20.46 12.18 -5.02
N LEU A 19 19.61 11.16 -4.90
CA LEU A 19 18.29 11.37 -4.32
C LEU A 19 18.40 11.82 -2.87
N ALA A 20 19.33 11.21 -2.11
CA ALA A 20 19.57 11.63 -0.74
C ALA A 20 20.12 13.04 -0.67
N ALA A 21 20.98 13.41 -1.62
CA ALA A 21 21.48 14.78 -1.68
C ALA A 21 20.35 15.76 -1.90
N LEU A 22 19.47 15.45 -2.86
CA LEU A 22 18.29 16.28 -3.08
C LEU A 22 17.47 16.41 -1.80
N GLY A 23 17.22 15.27 -1.12
CA GLY A 23 16.44 15.32 0.09
C GLY A 23 17.08 16.17 1.17
N PHE A 24 18.38 15.99 1.37
CA PHE A 24 19.07 16.75 2.42
C PHE A 24 19.07 18.24 2.12
N LEU A 25 19.35 18.62 0.87
CA LEU A 25 19.36 20.04 0.53
C LEU A 25 17.97 20.64 0.63
N SER A 26 16.93 19.89 0.24
CA SER A 26 15.57 20.40 0.38
C SER A 26 15.19 20.55 1.85
N THR A 27 15.59 19.59 2.70
CA THR A 27 15.30 19.72 4.12
C THR A 27 16.08 20.87 4.75
N LEU A 28 17.30 21.11 4.26
CA LEU A 28 18.06 22.28 4.70
C LEU A 28 17.35 23.57 4.30
N ALA A 29 16.79 23.60 3.10
CA ALA A 29 15.97 24.74 2.70
C ALA A 29 14.79 24.91 3.65
N ILE A 30 14.12 23.81 3.99
CA ILE A 30 13.00 23.87 4.93
C ILE A 30 13.46 24.49 6.24
N LEU A 31 14.58 24.01 6.77
CA LEU A 31 15.03 24.47 8.08
C LEU A 31 15.45 25.94 8.04
N VAL A 32 16.17 26.35 7.00
CA VAL A 32 16.59 27.75 6.92
C VAL A 32 15.42 28.68 6.65
N ILE A 33 14.32 28.17 6.06
CA ILE A 33 13.10 28.95 5.96
C ILE A 33 12.46 29.11 7.34
N PHE A 34 12.35 28.00 8.08
CA PHE A 34 11.83 28.07 9.44
C PHE A 34 12.70 28.93 10.34
N TRP A 35 13.98 29.05 10.01
CA TRP A 35 14.95 29.70 10.87
C TRP A 35 14.68 31.19 11.04
N ARG A 36 14.03 31.83 10.08
CA ARG A 36 13.63 33.22 10.22
C ARG A 36 12.12 33.38 10.46
N HIS A 37 11.42 32.28 10.74
CA HIS A 37 9.98 32.32 11.03
C HIS A 37 9.65 31.61 12.33
N PHE A 38 10.53 31.71 13.33
CA PHE A 38 10.41 30.94 14.57
C PHE A 38 9.02 31.00 15.17
N GLN A 39 8.41 32.19 15.22
CA GLN A 39 7.19 32.40 15.99
C GLN A 39 5.98 32.74 15.12
N THR A 40 6.03 32.47 13.82
CA THR A 40 4.86 32.65 12.99
C THR A 40 3.78 31.63 13.37
N PRO A 41 2.51 31.94 13.11
CA PRO A 41 1.44 31.03 13.56
C PRO A 41 1.61 29.59 13.08
N ILE A 42 2.01 29.39 11.82
CA ILE A 42 2.14 28.04 11.32
C ILE A 42 3.31 27.32 11.98
N VAL A 43 4.43 28.01 12.15
CA VAL A 43 5.55 27.41 12.86
C VAL A 43 5.19 27.19 14.33
N ARG A 44 4.45 28.13 14.92
CA ARG A 44 4.05 27.99 16.31
C ARG A 44 3.19 26.75 16.51
N SER A 45 2.34 26.44 15.53
CA SER A 45 1.51 25.24 15.61
C SER A 45 2.33 24.00 15.37
N ALA A 46 3.47 24.15 14.69
CA ALA A 46 4.30 22.99 14.34
C ALA A 46 4.64 22.13 15.54
N GLY A 47 4.79 22.74 16.71
CA GLY A 47 5.12 21.99 17.92
C GLY A 47 6.28 22.57 18.69
N GLY A 48 6.89 23.63 18.17
CA GLY A 48 7.99 24.28 18.86
C GLY A 48 9.19 23.39 18.96
N PRO A 49 9.58 23.00 20.17
CA PRO A 49 10.81 22.21 20.24
C PRO A 49 10.74 20.97 19.38
N MET A 50 9.58 20.33 19.33
CA MET A 50 9.46 19.07 18.61
C MET A 50 9.84 19.21 17.13
N CYS A 51 9.44 20.29 16.47
CA CYS A 51 9.69 20.41 15.03
C CYS A 51 11.16 20.68 14.75
N PHE A 52 11.82 21.46 15.59
CA PHE A 52 13.22 21.77 15.39
C PHE A 52 14.04 20.50 15.52
N LEU A 53 13.80 19.74 16.58
CA LEU A 53 14.54 18.51 16.79
C LEU A 53 14.28 17.52 15.69
N MET A 54 13.03 17.37 15.28
CA MET A 54 12.71 16.37 14.28
C MET A 54 13.46 16.71 13.02
N LEU A 55 13.42 17.99 12.64
CA LEU A 55 14.07 18.41 11.43
C LEU A 55 15.55 18.12 11.56
N THR A 56 16.12 18.39 12.73
CA THR A 56 17.55 18.19 12.93
C THR A 56 17.94 16.72 12.83
N LEU A 57 17.14 15.84 13.44
CA LEU A 57 17.42 14.42 13.36
C LEU A 57 17.42 13.99 11.92
N LEU A 58 16.45 14.48 11.15
CA LEU A 58 16.35 14.10 9.76
C LEU A 58 17.54 14.61 8.95
N LEU A 59 17.98 15.84 9.23
CA LEU A 59 19.14 16.39 8.54
C LEU A 59 20.36 15.50 8.74
N VAL A 60 20.50 14.90 9.91
CA VAL A 60 21.59 13.95 10.14
C VAL A 60 21.34 12.67 9.35
N ALA A 61 20.10 12.18 9.36
CA ALA A 61 19.82 10.84 8.84
C ALA A 61 20.26 10.69 7.39
N TYR A 62 20.15 11.76 6.60
CA TYR A 62 20.47 11.67 5.18
C TYR A 62 21.93 11.27 4.94
N MET A 63 22.80 11.45 5.93
CA MET A 63 24.19 11.05 5.79
C MET A 63 24.38 9.54 5.76
N VAL A 64 23.33 8.77 6.03
CA VAL A 64 23.45 7.31 6.09
C VAL A 64 24.00 6.76 4.77
N VAL A 65 23.57 7.30 3.65
CA VAL A 65 23.86 6.72 2.34
C VAL A 65 25.37 6.68 2.12
N PRO A 66 26.10 7.79 2.24
CA PRO A 66 27.57 7.71 2.14
C PRO A 66 28.19 6.77 3.15
N VAL A 67 27.63 6.69 4.36
CA VAL A 67 28.15 5.80 5.39
C VAL A 67 27.70 4.36 5.15
N TYR A 68 26.59 4.18 4.45
CA TYR A 68 26.06 2.84 4.17
C TYR A 68 26.78 2.20 3.00
N VAL A 69 27.20 3.02 2.02
CA VAL A 69 27.88 2.49 0.84
C VAL A 69 29.35 2.20 1.15
N GLY A 70 29.94 1.32 0.35
CA GLY A 70 31.35 1.02 0.44
C GLY A 70 31.64 -0.24 1.24
N PRO A 71 32.89 -0.70 1.19
CA PRO A 71 33.27 -1.91 1.93
C PRO A 71 32.90 -1.79 3.40
N PRO A 72 32.00 -2.64 3.90
CA PRO A 72 31.53 -2.47 5.27
C PRO A 72 32.65 -2.56 6.31
N LYS A 73 32.42 -1.88 7.43
CA LYS A 73 33.16 -2.09 8.67
C LYS A 73 32.16 -1.98 9.81
N VAL A 74 32.58 -2.45 10.99
CA VAL A 74 31.71 -2.36 12.16
C VAL A 74 31.30 -0.92 12.42
N SER A 75 32.17 0.03 12.07
CA SER A 75 31.85 1.45 12.25
C SER A 75 30.55 1.81 11.55
N THR A 76 30.27 1.17 10.41
CA THR A 76 29.01 1.41 9.71
C THR A 76 27.88 0.54 10.24
N CYS A 77 28.20 -0.69 10.68
CA CYS A 77 27.18 -1.56 11.23
C CYS A 77 26.57 -0.99 12.50
N LEU A 78 27.36 -0.20 13.26
CA LEU A 78 26.85 0.43 14.47
C LEU A 78 25.69 1.35 14.15
N CYS A 79 25.86 2.23 13.16
CA CYS A 79 24.86 3.25 12.88
C CYS A 79 23.71 2.69 12.04
N ARG A 80 24.03 2.00 10.95
CA ARG A 80 22.96 1.59 10.04
C ARG A 80 21.97 0.64 10.71
N GLN A 81 22.39 -0.05 11.78
CA GLN A 81 21.51 -0.97 12.46
C GLN A 81 20.86 -0.39 13.73
N ALA A 82 21.51 0.55 14.40
CA ALA A 82 20.94 1.09 15.64
C ALA A 82 20.66 2.59 15.59
N LEU A 83 21.66 3.38 15.20
CA LEU A 83 21.57 4.83 15.41
C LEU A 83 20.54 5.47 14.48
N PHE A 84 20.61 5.16 13.20
CA PHE A 84 19.73 5.78 12.21
C PHE A 84 18.29 5.29 12.41
N PRO A 85 18.09 4.01 12.75
CA PRO A 85 16.75 3.58 13.19
C PRO A 85 16.21 4.38 14.37
N LEU A 86 17.06 4.74 15.32
CA LEU A 86 16.63 5.59 16.43
C LEU A 86 16.22 6.97 15.92
N CYS A 87 17.05 7.57 15.07
CA CYS A 87 16.71 8.85 14.46
C CYS A 87 15.35 8.79 13.76
N PHE A 88 15.07 7.68 13.09
CA PHE A 88 13.82 7.56 12.34
C PHE A 88 12.63 7.34 13.26
N THR A 89 12.81 6.53 14.30
CA THR A 89 11.69 6.23 15.18
C THR A 89 11.27 7.44 15.98
N ILE A 90 12.22 8.31 16.33
CA ILE A 90 11.91 9.55 17.04
C ILE A 90 10.93 10.36 16.21
N CYS A 91 11.15 10.41 14.90
CA CYS A 91 10.30 11.18 14.03
C CYS A 91 8.94 10.54 13.81
N ILE A 92 8.90 9.22 13.61
CA ILE A 92 7.65 8.51 13.38
C ILE A 92 6.75 8.63 14.61
N SER A 93 7.33 8.44 15.80
CA SER A 93 6.55 8.58 17.03
C SER A 93 6.02 9.99 17.18
N CYS A 94 6.82 11.00 16.83
CA CYS A 94 6.34 12.37 16.91
C CYS A 94 5.11 12.56 16.03
N ILE A 95 5.18 12.11 14.79
CA ILE A 95 4.06 12.25 13.87
C ILE A 95 2.82 11.53 14.39
N ALA A 96 2.97 10.28 14.81
CA ALA A 96 1.82 9.49 15.25
C ALA A 96 1.17 10.09 16.50
N VAL A 97 1.97 10.53 17.47
CA VAL A 97 1.40 11.06 18.70
C VAL A 97 0.72 12.40 18.43
N ARG A 98 1.26 13.20 17.50
CA ARG A 98 0.55 14.41 17.10
C ARG A 98 -0.79 14.06 16.46
N SER A 99 -0.82 13.02 15.63
CA SER A 99 -2.09 12.61 15.02
C SER A 99 -3.10 12.22 16.10
N PHE A 100 -2.66 11.49 17.13
CA PHE A 100 -3.58 11.19 18.23
C PHE A 100 -4.00 12.46 18.97
N GLN A 101 -3.05 13.37 19.21
CA GLN A 101 -3.34 14.60 19.92
C GLN A 101 -4.44 15.38 19.22
N ILE A 102 -4.40 15.46 17.90
CA ILE A 102 -5.37 16.27 17.18
C ILE A 102 -6.74 15.64 17.29
N VAL A 103 -6.85 14.39 16.85
CA VAL A 103 -8.14 13.73 16.85
C VAL A 103 -8.57 13.40 18.26
N CYS A 104 -9.89 13.26 18.46
CA CYS A 104 -10.41 12.88 19.77
C CYS A 104 -10.09 13.88 20.87
N ALA A 105 -9.59 15.06 20.50
CA ALA A 105 -9.20 16.03 21.51
C ALA A 105 -10.43 16.49 22.27
N PHE A 106 -11.55 16.60 21.56
CA PHE A 106 -12.78 17.05 22.18
C PHE A 106 -13.22 16.20 23.37
N LYS A 107 -12.97 14.90 23.30
CA LYS A 107 -13.41 14.01 24.37
C LYS A 107 -12.49 14.06 25.58
N MET A 108 -11.28 14.55 25.40
CA MET A 108 -10.32 14.56 26.49
C MET A 108 -10.77 15.42 27.64
N ALA A 109 -11.23 16.65 27.36
CA ALA A 109 -11.55 17.56 28.44
C ALA A 109 -12.86 17.16 29.13
N SER A 110 -13.89 16.86 28.34
CA SER A 110 -15.24 16.70 28.91
C SER A 110 -15.42 15.36 29.60
N ARG A 111 -14.96 14.27 28.98
CA ARG A 111 -15.19 12.95 29.53
C ARG A 111 -14.08 12.49 30.48
N PHE A 112 -12.85 12.99 30.29
CA PHE A 112 -11.71 12.55 31.10
C PHE A 112 -10.98 13.74 31.70
N PRO A 113 -11.68 14.62 32.43
CA PRO A 113 -10.98 15.72 33.11
C PRO A 113 -9.98 15.22 34.14
N ARG A 114 -10.23 14.09 34.79
CA ARG A 114 -9.30 13.55 35.77
C ARG A 114 -7.92 13.37 35.15
N ALA A 115 -7.87 12.95 33.88
CA ALA A 115 -6.59 12.84 33.18
C ALA A 115 -6.18 14.17 32.57
N TYR A 116 -7.09 14.81 31.83
CA TYR A 116 -6.72 15.97 31.03
C TYR A 116 -6.21 17.12 31.89
N SER A 117 -6.72 17.26 33.11
CA SER A 117 -6.33 18.40 33.95
C SER A 117 -4.84 18.41 34.25
N TYR A 118 -4.21 17.25 34.32
CA TYR A 118 -2.76 17.15 34.49
C TYR A 118 -2.04 16.89 33.19
N TRP A 119 -2.65 16.11 32.29
CA TRP A 119 -2.05 15.79 31.01
C TRP A 119 -1.88 17.03 30.14
N VAL A 120 -2.67 18.07 30.37
CA VAL A 120 -2.53 19.29 29.59
C VAL A 120 -1.25 20.03 29.95
N ARG A 121 -0.83 19.98 31.21
CA ARG A 121 0.17 20.91 31.70
C ARG A 121 1.59 20.34 31.67
N TYR A 122 2.46 21.11 31.02
CA TYR A 122 3.92 21.05 31.04
C TYR A 122 4.58 19.94 30.22
N GLN A 123 3.92 18.80 30.01
CA GLN A 123 4.49 17.79 29.13
C GLN A 123 3.45 17.19 28.19
N GLY A 124 2.36 16.73 28.78
CA GLY A 124 1.35 15.97 28.07
C GLY A 124 1.95 14.91 27.17
N PRO A 125 1.58 14.93 25.89
CA PRO A 125 1.93 13.80 25.01
C PRO A 125 3.41 13.55 24.90
N TYR A 126 4.26 14.54 25.20
CA TYR A 126 5.69 14.31 25.21
C TYR A 126 6.01 13.01 25.93
N VAL A 127 5.36 12.76 27.07
CA VAL A 127 5.72 11.61 27.88
C VAL A 127 5.58 10.33 27.06
N SER A 128 4.44 10.17 26.40
CA SER A 128 4.27 8.97 25.59
C SER A 128 5.31 8.90 24.49
N MET A 129 5.58 10.03 23.83
CA MET A 129 6.59 10.04 22.79
C MET A 129 7.93 9.57 23.36
N ALA A 130 8.24 9.97 24.59
CA ALA A 130 9.46 9.49 25.22
C ALA A 130 9.42 7.98 25.42
N PHE A 131 8.32 7.47 25.99
CA PHE A 131 8.31 6.06 26.36
C PHE A 131 8.43 5.17 25.13
N ILE A 132 7.62 5.43 24.10
CA ILE A 132 7.76 4.70 22.85
C ILE A 132 9.22 4.67 22.43
N THR A 133 9.89 5.83 22.52
CA THR A 133 11.27 5.90 22.08
C THR A 133 12.13 4.87 22.81
N VAL A 134 12.06 4.88 24.15
CA VAL A 134 12.88 3.93 24.90
C VAL A 134 12.43 2.52 24.62
N LEU A 135 11.13 2.32 24.38
CA LEU A 135 10.67 0.99 24.02
C LEU A 135 11.39 0.51 22.77
N LYS A 136 11.52 1.38 21.77
CA LYS A 136 12.26 0.99 20.57
C LYS A 136 13.71 0.67 20.92
N MET A 137 14.30 1.43 21.85
CA MET A 137 15.64 1.11 22.30
C MET A 137 15.71 -0.32 22.82
N VAL A 138 14.70 -0.73 23.60
CA VAL A 138 14.70 -2.09 24.13
C VAL A 138 14.73 -3.10 22.98
N ILE A 139 14.06 -2.78 21.88
CA ILE A 139 14.13 -3.63 20.69
C ILE A 139 15.52 -3.54 20.05
N VAL A 140 16.04 -2.32 19.92
CA VAL A 140 17.21 -2.10 19.08
C VAL A 140 18.49 -2.51 19.80
N VAL A 141 18.89 -1.74 20.82
CA VAL A 141 20.24 -1.88 21.35
C VAL A 141 20.46 -3.27 21.91
N ILE A 142 19.54 -3.74 22.77
CA ILE A 142 19.66 -5.09 23.30
C ILE A 142 19.63 -6.10 22.18
N GLY A 143 18.81 -5.86 21.16
CA GLY A 143 18.79 -6.75 20.01
C GLY A 143 20.16 -6.83 19.35
N MET A 144 20.84 -5.70 19.22
CA MET A 144 22.19 -5.72 18.66
C MET A 144 23.13 -6.53 19.55
N LEU A 145 22.91 -6.52 20.86
CA LEU A 145 23.69 -7.38 21.74
C LEU A 145 23.45 -8.84 21.42
N ALA A 146 22.20 -9.19 21.07
CA ALA A 146 21.87 -10.59 20.80
C ALA A 146 22.55 -11.09 19.54
N THR A 147 22.46 -10.30 18.45
CA THR A 147 23.13 -10.67 17.21
C THR A 147 24.63 -10.39 17.24
N GLY A 148 25.08 -9.50 18.13
CA GLY A 148 26.45 -9.05 18.11
C GLY A 148 26.72 -8.18 16.89
N LEU A 149 27.81 -7.40 16.94
CA LEU A 149 28.18 -6.51 15.85
C LEU A 149 29.16 -7.22 14.92
N SER A 150 28.84 -7.27 13.63
CA SER A 150 29.77 -7.82 12.65
C SER A 150 29.27 -7.48 11.24
N PRO A 151 30.16 -7.06 10.33
CA PRO A 151 29.77 -7.03 8.92
C PRO A 151 29.81 -8.41 8.30
N THR A 152 28.76 -9.19 8.49
CA THR A 152 28.78 -10.60 8.13
C THR A 152 28.71 -10.77 6.61
N THR A 153 28.81 -12.03 6.18
CA THR A 153 28.80 -12.40 4.78
C THR A 153 27.86 -13.57 4.56
N ARG A 154 27.30 -13.66 3.35
CA ARG A 154 26.47 -14.79 2.98
C ARG A 154 26.64 -15.09 1.50
N THR A 155 26.07 -16.20 1.06
CA THR A 155 26.23 -16.68 -0.31
C THR A 155 24.92 -16.58 -1.08
N ASP A 156 25.03 -16.22 -2.36
CA ASP A 156 23.88 -16.17 -3.25
C ASP A 156 23.92 -17.37 -4.17
N PRO A 157 22.88 -18.21 -4.21
CA PRO A 157 23.01 -19.54 -4.86
C PRO A 157 22.97 -19.53 -6.37
N ASP A 158 22.50 -18.46 -7.04
CA ASP A 158 22.45 -18.51 -8.49
C ASP A 158 23.82 -18.83 -9.07
N ASP A 159 24.88 -18.38 -8.40
CA ASP A 159 26.22 -18.89 -8.57
C ASP A 159 26.96 -18.62 -7.26
N PRO A 160 27.34 -19.65 -6.49
CA PRO A 160 27.98 -19.40 -5.19
C PRO A 160 29.37 -18.78 -5.31
N LYS A 161 29.82 -18.47 -6.52
CA LYS A 161 31.10 -17.81 -6.71
C LYS A 161 31.18 -16.48 -5.97
N ILE A 162 30.06 -15.77 -5.85
CA ILE A 162 30.03 -14.42 -5.30
C ILE A 162 29.37 -14.45 -3.93
N THR A 163 29.80 -13.55 -3.05
CA THR A 163 29.30 -13.51 -1.68
C THR A 163 28.94 -12.07 -1.31
N ILE A 164 27.77 -11.91 -0.68
CA ILE A 164 27.30 -10.62 -0.19
C ILE A 164 28.01 -10.31 1.12
N VAL A 165 28.42 -9.05 1.28
CA VAL A 165 28.88 -8.52 2.57
C VAL A 165 27.84 -7.52 3.05
N SER A 166 27.34 -7.71 4.28
CA SER A 166 26.23 -6.91 4.77
C SER A 166 26.29 -6.78 6.29
N CYS A 167 25.82 -5.63 6.80
CA CYS A 167 25.63 -5.41 8.24
C CYS A 167 24.20 -5.77 8.67
N ASN A 168 23.83 -7.05 8.49
CA ASN A 168 22.52 -7.46 8.96
C ASN A 168 22.41 -8.98 9.08
N PRO A 169 22.94 -9.56 10.15
CA PRO A 169 22.75 -11.00 10.37
C PRO A 169 21.27 -11.35 10.50
N ASN A 170 20.90 -12.50 9.94
CA ASN A 170 19.52 -12.99 10.01
C ASN A 170 18.55 -11.88 9.64
N TYR A 171 18.66 -11.43 8.39
CA TYR A 171 18.05 -10.15 7.99
C TYR A 171 16.54 -10.15 8.22
N ARG A 172 15.85 -11.22 7.83
CA ARG A 172 14.40 -11.25 8.00
C ARG A 172 14.01 -11.23 9.48
N ASN A 173 14.58 -12.14 10.28
CA ASN A 173 14.28 -12.15 11.71
C ASN A 173 14.76 -10.87 12.36
N SER A 174 15.93 -10.37 11.96
CA SER A 174 16.44 -9.12 12.51
C SER A 174 15.46 -7.98 12.29
N LEU A 175 14.90 -7.90 11.08
CA LEU A 175 14.00 -6.80 10.74
C LEU A 175 12.59 -6.99 11.28
N LEU A 176 12.19 -8.23 11.57
CA LEU A 176 10.82 -8.46 12.04
C LEU A 176 10.55 -7.72 13.34
N PHE A 177 11.44 -7.90 14.33
CA PHE A 177 11.25 -7.22 15.61
C PHE A 177 11.33 -5.71 15.44
N ASN A 178 12.25 -5.24 14.61
CA ASN A 178 12.37 -3.81 14.37
C ASN A 178 11.08 -3.25 13.78
N THR A 179 10.49 -3.95 12.82
CA THR A 179 9.35 -3.45 12.06
C THR A 179 8.01 -3.69 12.75
N SER A 180 7.95 -4.54 13.78
CA SER A 180 6.67 -4.71 14.47
C SER A 180 6.15 -3.38 15.01
N LEU A 181 6.98 -2.67 15.77
CA LEU A 181 6.55 -1.39 16.33
C LEU A 181 6.41 -0.33 15.25
N ASP A 182 7.22 -0.41 14.20
CA ASP A 182 7.07 0.53 13.10
C ASP A 182 5.70 0.38 12.45
N LEU A 183 5.27 -0.85 12.20
CA LEU A 183 3.94 -1.09 11.65
C LEU A 183 2.86 -0.65 12.60
N LEU A 184 3.03 -0.95 13.89
CA LEU A 184 2.02 -0.53 14.87
C LEU A 184 1.84 0.99 14.84
N LEU A 185 2.93 1.73 14.96
CA LEU A 185 2.86 3.19 14.93
C LEU A 185 2.29 3.68 13.61
N SER A 186 2.74 3.12 12.49
CA SER A 186 2.28 3.59 11.19
C SER A 186 0.79 3.41 11.04
N VAL A 187 0.28 2.23 11.40
CA VAL A 187 -1.15 1.97 11.25
C VAL A 187 -1.96 2.83 12.21
N VAL A 188 -1.46 3.03 13.43
CA VAL A 188 -2.18 3.86 14.39
C VAL A 188 -2.30 5.29 13.87
N GLY A 189 -1.18 5.87 13.45
CA GLY A 189 -1.22 7.22 12.90
C GLY A 189 -2.08 7.31 11.66
N PHE A 190 -1.96 6.32 10.77
CA PHE A 190 -2.81 6.28 9.57
C PHE A 190 -4.28 6.30 9.94
N SER A 191 -4.68 5.47 10.90
CA SER A 191 -6.09 5.41 11.30
C SER A 191 -6.54 6.74 11.87
N PHE A 192 -5.79 7.26 12.84
CA PHE A 192 -6.20 8.52 13.48
C PHE A 192 -6.29 9.65 12.45
N ALA A 193 -5.28 9.77 11.60
CA ALA A 193 -5.25 10.86 10.62
C ALA A 193 -6.37 10.71 9.59
N TYR A 194 -6.61 9.50 9.09
CA TYR A 194 -7.65 9.31 8.09
C TYR A 194 -9.02 9.60 8.67
N MET A 195 -9.30 9.13 9.88
CA MET A 195 -10.56 9.46 10.52
C MET A 195 -10.72 10.97 10.67
N GLY A 196 -9.62 11.67 10.90
CA GLY A 196 -9.58 13.11 11.06
C GLY A 196 -9.25 13.90 9.82
N LYS A 197 -9.36 13.34 8.63
CA LYS A 197 -8.91 14.04 7.42
C LYS A 197 -9.73 15.29 7.13
N GLU A 198 -10.87 15.48 7.79
CA GLU A 198 -11.69 16.67 7.58
C GLU A 198 -11.24 17.85 8.43
N LEU A 199 -10.52 17.60 9.52
CA LEU A 199 -10.29 18.66 10.51
C LEU A 199 -9.39 19.75 9.94
N PRO A 200 -9.67 21.03 10.21
CA PRO A 200 -8.77 22.10 9.79
C PRO A 200 -7.57 22.30 10.71
N THR A 201 -7.43 21.48 11.75
CA THR A 201 -6.54 21.83 12.85
C THR A 201 -5.10 22.04 12.38
N ASN A 202 -4.46 23.05 12.95
CA ASN A 202 -3.06 23.38 12.70
C ASN A 202 -2.82 23.54 11.20
N TYR A 203 -3.64 24.40 10.58
CA TYR A 203 -3.61 24.61 9.15
C TYR A 203 -3.80 23.28 8.41
N ASN A 204 -4.70 22.45 8.94
CA ASN A 204 -5.13 21.23 8.28
C ASN A 204 -3.95 20.28 8.07
N GLU A 205 -3.27 19.94 9.18
CA GLU A 205 -2.09 19.09 9.07
C GLU A 205 -2.42 17.60 9.05
N ALA A 206 -3.66 17.22 9.37
CA ALA A 206 -4.03 15.82 9.37
C ALA A 206 -3.93 15.20 7.98
N LYS A 207 -4.28 15.95 6.94
CA LYS A 207 -4.21 15.44 5.57
C LYS A 207 -2.77 15.07 5.21
N PHE A 208 -1.81 15.94 5.55
CA PHE A 208 -0.42 15.67 5.23
C PHE A 208 0.13 14.53 6.08
N ILE A 209 -0.28 14.44 7.35
CA ILE A 209 0.06 13.27 8.15
C ILE A 209 -0.44 12.00 7.46
N THR A 210 -1.66 12.06 6.93
CA THR A 210 -2.23 10.91 6.24
C THR A 210 -1.37 10.52 5.05
N LEU A 211 -0.98 11.50 4.23
CA LEU A 211 -0.15 11.19 3.06
C LEU A 211 1.14 10.50 3.48
N SER A 212 1.87 11.11 4.42
CA SER A 212 3.17 10.57 4.80
C SER A 212 3.03 9.18 5.43
N MET A 213 2.04 9.00 6.31
CA MET A 213 1.87 7.71 6.98
C MET A 213 1.44 6.63 5.99
N THR A 214 0.61 6.98 5.01
CA THR A 214 0.24 6.01 3.98
C THR A 214 1.47 5.56 3.20
N PHE A 215 2.32 6.51 2.80
CA PHE A 215 3.52 6.11 2.07
C PHE A 215 4.40 5.22 2.91
N TYR A 216 4.62 5.59 4.18
CA TYR A 216 5.47 4.78 5.05
C TYR A 216 4.91 3.37 5.19
N PHE A 217 3.61 3.25 5.43
CA PHE A 217 2.99 1.94 5.63
C PHE A 217 3.13 1.08 4.39
N THR A 218 2.79 1.63 3.22
CA THR A 218 2.86 0.84 2.00
C THR A 218 4.28 0.40 1.72
N SER A 219 5.25 1.30 1.90
CA SER A 219 6.64 0.92 1.62
C SER A 219 7.14 -0.14 2.58
N SER A 220 6.79 -0.02 3.87
CA SER A 220 7.24 -1.02 4.84
C SER A 220 6.65 -2.38 4.53
N VAL A 221 5.34 -2.44 4.25
CA VAL A 221 4.71 -3.70 3.90
C VAL A 221 5.35 -4.29 2.65
N SER A 222 5.57 -3.45 1.63
CA SER A 222 6.15 -3.92 0.39
C SER A 222 7.53 -4.54 0.63
N LEU A 223 8.38 -3.85 1.39
CA LEU A 223 9.73 -4.36 1.59
C LEU A 223 9.72 -5.64 2.41
N CYS A 224 8.87 -5.71 3.45
CA CYS A 224 8.82 -6.95 4.21
C CYS A 224 8.38 -8.13 3.35
N THR A 225 7.36 -7.91 2.50
CA THR A 225 6.92 -8.97 1.59
C THR A 225 8.03 -9.37 0.64
N PHE A 226 8.67 -8.39 0.01
CA PHE A 226 9.70 -8.67 -0.97
C PHE A 226 10.85 -9.44 -0.33
N MET A 227 11.26 -9.06 0.88
CA MET A 227 12.31 -9.80 1.57
C MET A 227 11.84 -11.21 1.90
N SER A 228 10.57 -11.39 2.23
CA SER A 228 10.06 -12.73 2.46
C SER A 228 10.07 -13.58 1.20
N ALA A 229 10.10 -12.94 0.03
CA ALA A 229 10.16 -13.66 -1.23
C ALA A 229 11.57 -13.79 -1.78
N TYR A 230 12.48 -12.87 -1.44
CA TYR A 230 13.77 -12.76 -2.12
C TYR A 230 14.88 -12.62 -1.09
N SER A 231 16.07 -13.15 -1.44
CA SER A 231 17.23 -13.11 -0.56
C SER A 231 18.53 -12.82 -1.30
N GLY A 232 18.49 -12.42 -2.56
CA GLY A 232 19.67 -12.23 -3.37
C GLY A 232 20.42 -10.93 -3.09
N VAL A 233 21.35 -10.63 -4.00
CA VAL A 233 22.26 -9.51 -3.82
C VAL A 233 21.53 -8.17 -3.69
N LEU A 234 20.44 -7.98 -4.43
CA LEU A 234 19.83 -6.66 -4.52
C LEU A 234 19.23 -6.18 -3.21
N VAL A 235 19.04 -7.07 -2.23
CA VAL A 235 18.29 -6.70 -1.02
C VAL A 235 18.83 -5.43 -0.41
N THR A 236 20.15 -5.29 -0.35
CA THR A 236 20.74 -4.14 0.33
C THR A 236 20.46 -2.84 -0.41
N ILE A 237 20.52 -2.83 -1.74
CA ILE A 237 20.27 -1.57 -2.44
C ILE A 237 18.83 -1.15 -2.28
N VAL A 238 17.89 -2.08 -2.53
CA VAL A 238 16.48 -1.74 -2.41
C VAL A 238 16.19 -1.27 -0.99
N ASP A 239 16.72 -1.99 0.00
CA ASP A 239 16.51 -1.61 1.39
C ASP A 239 16.98 -0.19 1.64
N LEU A 240 18.13 0.19 1.08
CA LEU A 240 18.57 1.58 1.22
C LEU A 240 17.61 2.51 0.51
N LEU A 241 17.22 2.19 -0.72
CA LEU A 241 16.30 3.04 -1.46
C LEU A 241 15.03 3.27 -0.68
N VAL A 242 14.39 2.18 -0.22
CA VAL A 242 13.16 2.31 0.55
C VAL A 242 13.38 3.21 1.76
N THR A 243 14.56 3.13 2.38
CA THR A 243 14.85 4.01 3.51
C THR A 243 14.82 5.47 3.06
N VAL A 244 15.58 5.80 2.02
CA VAL A 244 15.71 7.20 1.63
C VAL A 244 14.36 7.75 1.22
N LEU A 245 13.62 6.99 0.41
CA LEU A 245 12.27 7.42 0.03
C LEU A 245 11.44 7.70 1.27
N ASN A 246 11.51 6.82 2.26
CA ASN A 246 10.74 7.05 3.48
C ASN A 246 11.14 8.37 4.11
N LEU A 247 12.45 8.63 4.19
CA LEU A 247 12.89 9.92 4.71
C LEU A 247 12.26 11.05 3.91
N LEU A 248 12.30 10.97 2.59
CA LEU A 248 11.65 12.00 1.79
C LEU A 248 10.19 12.13 2.19
N ALA A 249 9.49 11.01 2.32
CA ALA A 249 8.08 11.07 2.67
C ALA A 249 7.88 11.83 3.97
N ILE A 250 8.79 11.67 4.92
CA ILE A 250 8.66 12.36 6.20
C ILE A 250 8.96 13.84 6.01
N SER A 251 9.97 14.17 5.23
CA SER A 251 10.38 15.56 5.09
C SER A 251 9.46 16.32 4.16
N LEU A 252 9.38 15.90 2.89
CA LEU A 252 8.59 16.63 1.92
C LEU A 252 7.09 16.44 2.11
N GLY A 253 6.69 15.31 2.67
CA GLY A 253 5.27 15.02 2.80
C GLY A 253 4.57 15.65 3.98
N TYR A 254 5.31 16.10 4.98
CA TYR A 254 4.70 16.65 6.19
C TYR A 254 5.07 18.12 6.42
N PHE A 255 6.35 18.43 6.34
CA PHE A 255 6.80 19.80 6.50
C PHE A 255 6.75 20.54 5.18
N GLY A 256 6.92 19.82 4.07
CA GLY A 256 6.86 20.42 2.77
C GLY A 256 5.56 21.18 2.52
N PRO A 257 4.41 20.54 2.80
CA PRO A 257 3.14 21.26 2.60
C PRO A 257 2.98 22.49 3.48
N LYS A 258 3.48 22.45 4.72
CA LYS A 258 3.41 23.64 5.58
C LYS A 258 4.27 24.76 5.02
N CYS A 259 5.50 24.43 4.61
CA CYS A 259 6.35 25.43 3.97
C CYS A 259 5.71 25.95 2.69
N TYR A 260 4.91 25.12 2.02
CA TYR A 260 4.19 25.55 0.84
C TYR A 260 3.14 26.60 1.15
N MET A 261 2.75 26.74 2.42
CA MET A 261 1.89 27.85 2.85
C MET A 261 2.70 29.03 3.38
N ILE A 262 3.85 28.76 4.01
CA ILE A 262 4.60 29.82 4.68
C ILE A 262 4.84 30.99 3.73
N LEU A 263 5.62 30.75 2.67
CA LEU A 263 6.04 31.83 1.79
C LEU A 263 4.98 32.23 0.77
N PHE A 264 3.99 31.37 0.52
CA PHE A 264 3.09 31.58 -0.60
C PHE A 264 1.70 32.06 -0.20
N TYR A 265 1.35 31.99 1.08
CA TYR A 265 0.09 32.55 1.58
C TYR A 265 0.38 33.46 2.76
N PRO A 266 0.97 34.63 2.51
CA PRO A 266 1.17 35.59 3.61
C PRO A 266 -0.13 36.03 4.25
N GLU A 267 -1.25 35.92 3.53
CA GLU A 267 -2.55 36.10 4.15
C GLU A 267 -2.75 35.12 5.30
N ARG A 268 -2.52 33.84 5.04
CA ARG A 268 -2.69 32.83 6.08
C ARG A 268 -1.59 32.88 7.12
N ASN A 269 -0.48 33.57 6.84
CA ASN A 269 0.53 33.81 7.85
C ASN A 269 0.04 34.75 8.95
N THR A 270 -1.09 35.42 8.75
CA THR A 270 -1.55 36.43 9.69
C THR A 270 -1.89 35.81 11.04
N PRO A 271 -1.46 36.39 12.16
CA PRO A 271 -1.84 35.86 13.47
C PRO A 271 -3.35 35.78 13.70
N ALA A 272 -4.12 36.78 13.24
CA ALA A 272 -5.56 36.75 13.44
C ALA A 272 -6.23 35.63 12.66
N TYR A 273 -5.55 35.07 11.66
CA TYR A 273 -6.13 33.99 10.87
C TYR A 273 -6.40 32.76 11.72
N PHE A 274 -5.54 32.50 12.70
CA PHE A 274 -5.54 31.20 13.38
C PHE A 274 -6.86 30.91 14.06
N ASN A 275 -7.52 31.92 14.63
CA ASN A 275 -8.76 31.68 15.33
C ASN A 275 -9.84 31.10 14.42
N SER A 276 -9.75 31.33 13.10
CA SER A 276 -10.74 30.76 12.19
C SER A 276 -10.60 29.26 12.03
N MET A 277 -9.49 28.67 12.49
CA MET A 277 -9.26 27.23 12.37
C MET A 277 -9.55 26.47 13.65
N ILE A 278 -10.27 27.09 14.59
CA ILE A 278 -10.65 26.42 15.83
C ILE A 278 -11.86 25.52 15.57
N PRO B 1 7.53 -48.08 -9.33
CA PRO B 1 6.70 -47.29 -10.25
C PRO B 1 6.10 -46.06 -9.57
N ARG B 2 6.67 -44.90 -9.85
CA ARG B 2 6.26 -43.68 -9.16
C ARG B 2 4.85 -43.26 -9.58
N ARG B 3 4.09 -42.77 -8.61
CA ARG B 3 2.77 -42.23 -8.89
C ARG B 3 2.89 -40.77 -9.38
N PRO B 4 2.12 -40.39 -10.40
CA PRO B 4 2.05 -38.97 -10.75
C PRO B 4 1.25 -38.19 -9.71
N LYS B 5 1.65 -36.94 -9.48
CA LYS B 5 1.06 -36.13 -8.43
C LYS B 5 0.57 -34.80 -8.98
N PHE B 6 -0.71 -34.53 -8.75
CA PHE B 6 -1.36 -33.25 -9.03
C PHE B 6 -2.60 -33.17 -8.16
N LEU B 7 -3.14 -31.96 -8.01
CA LEU B 7 -4.32 -31.78 -7.18
C LEU B 7 -5.50 -32.57 -7.74
N ALA B 8 -6.05 -33.45 -6.90
CA ALA B 8 -7.30 -34.13 -7.23
C ALA B 8 -8.48 -33.25 -6.84
N TRP B 9 -9.51 -33.26 -7.67
CA TRP B 9 -10.67 -32.39 -7.44
C TRP B 9 -11.31 -32.65 -6.09
N GLY B 10 -11.18 -33.88 -5.57
CA GLY B 10 -11.81 -34.24 -4.31
C GLY B 10 -11.04 -33.89 -3.06
N GLU B 11 -9.81 -33.40 -3.19
CA GLU B 11 -9.01 -33.11 -2.01
C GLU B 11 -9.70 -32.03 -1.17
N PRO B 12 -9.56 -32.08 0.16
CA PRO B 12 -10.31 -31.12 1.00
C PRO B 12 -9.98 -29.67 0.72
N VAL B 13 -8.76 -29.35 0.28
CA VAL B 13 -8.44 -27.96 -0.04
C VAL B 13 -9.17 -27.53 -1.31
N VAL B 14 -9.20 -28.39 -2.32
CA VAL B 14 -9.95 -28.06 -3.54
C VAL B 14 -11.44 -28.01 -3.25
N LEU B 15 -11.92 -28.90 -2.38
CA LEU B 15 -13.31 -28.84 -1.96
C LEU B 15 -13.62 -27.52 -1.27
N SER B 16 -12.73 -27.07 -0.38
CA SER B 16 -12.93 -25.79 0.30
C SER B 16 -12.89 -24.63 -0.69
N LEU B 17 -11.99 -24.69 -1.67
CA LEU B 17 -11.89 -23.60 -2.64
C LEU B 17 -13.13 -23.54 -3.52
N LEU B 18 -13.63 -24.68 -3.97
CA LEU B 18 -14.86 -24.69 -4.75
C LEU B 18 -16.08 -24.36 -3.88
N LEU B 19 -16.00 -24.59 -2.57
CA LEU B 19 -17.02 -24.10 -1.66
C LEU B 19 -17.02 -22.58 -1.61
N LEU B 20 -15.83 -21.99 -1.42
CA LEU B 20 -15.72 -20.53 -1.39
C LEU B 20 -16.15 -19.93 -2.72
N LEU B 21 -15.89 -20.64 -3.82
CA LEU B 21 -16.41 -20.22 -5.11
C LEU B 21 -17.92 -20.09 -5.07
N CYS B 22 -18.60 -20.96 -4.31
CA CYS B 22 -20.04 -20.85 -4.22
C CYS B 22 -20.45 -19.52 -3.59
N LEU B 23 -19.81 -19.13 -2.48
CA LEU B 23 -20.16 -17.86 -1.86
C LEU B 23 -19.85 -16.69 -2.77
N VAL B 24 -18.66 -16.70 -3.38
CA VAL B 24 -18.25 -15.57 -4.21
C VAL B 24 -19.21 -15.41 -5.39
N LEU B 25 -19.38 -16.47 -6.16
CA LEU B 25 -20.18 -16.36 -7.39
C LEU B 25 -21.66 -16.20 -7.08
N GLY B 26 -22.17 -16.83 -6.02
CA GLY B 26 -23.56 -16.65 -5.67
C GLY B 26 -23.86 -15.23 -5.23
N LEU B 27 -22.97 -14.63 -4.45
CA LEU B 27 -23.17 -13.23 -4.07
C LEU B 27 -23.05 -12.32 -5.28
N ALA B 28 -22.12 -12.63 -6.20
CA ALA B 28 -22.04 -11.83 -7.43
C ALA B 28 -23.34 -11.92 -8.22
N LEU B 29 -23.88 -13.13 -8.38
CA LEU B 29 -25.13 -13.32 -9.10
C LEU B 29 -26.28 -12.62 -8.38
N ALA B 30 -26.31 -12.69 -7.05
CA ALA B 30 -27.36 -12.03 -6.29
C ALA B 30 -27.31 -10.52 -6.44
N ALA B 31 -26.10 -9.95 -6.40
CA ALA B 31 -25.96 -8.51 -6.60
C ALA B 31 -26.37 -8.11 -8.01
N LEU B 32 -26.01 -8.92 -9.00
CA LEU B 32 -26.47 -8.66 -10.37
C LEU B 32 -27.99 -8.74 -10.45
N GLY B 33 -28.59 -9.70 -9.75
CA GLY B 33 -30.03 -9.81 -9.73
C GLY B 33 -30.68 -8.59 -9.12
N LEU B 34 -30.13 -8.09 -8.01
CA LEU B 34 -30.67 -6.89 -7.39
C LEU B 34 -30.52 -5.67 -8.30
N SER B 35 -29.38 -5.58 -9.00
CA SER B 35 -29.23 -4.50 -9.96
C SER B 35 -30.26 -4.59 -11.07
N VAL B 36 -30.52 -5.80 -11.57
CA VAL B 36 -31.60 -6.01 -12.53
C VAL B 36 -32.94 -5.62 -11.92
N HIS B 37 -33.10 -5.88 -10.62
CA HIS B 37 -34.38 -5.55 -9.93
C HIS B 37 -34.61 -4.03 -9.99
N HIS B 38 -33.62 -3.25 -9.57
CA HIS B 38 -33.75 -1.77 -9.57
C HIS B 38 -32.85 -1.18 -10.65
N TRP B 39 -33.01 -1.63 -11.91
CA TRP B 39 -32.08 -1.20 -12.98
C TRP B 39 -32.15 0.32 -13.21
N ASP B 40 -33.35 0.86 -13.45
CA ASP B 40 -33.46 2.30 -13.80
C ASP B 40 -33.25 3.17 -12.55
N SER B 41 -33.35 2.59 -11.36
CA SER B 41 -33.25 3.40 -10.11
C SER B 41 -32.02 4.32 -10.20
N PRO B 42 -32.13 5.61 -9.80
CA PRO B 42 -30.98 6.55 -9.78
C PRO B 42 -29.77 5.90 -9.13
N LEU B 43 -29.98 5.05 -8.13
CA LEU B 43 -28.82 4.46 -7.39
C LEU B 43 -27.91 3.77 -8.41
N VAL B 44 -28.46 2.85 -9.20
CA VAL B 44 -27.64 2.15 -10.25
C VAL B 44 -27.14 3.21 -11.24
N GLN B 45 -27.98 4.18 -11.59
CA GLN B 45 -27.58 5.26 -12.53
C GLN B 45 -26.40 6.04 -11.93
N ALA B 46 -26.52 6.49 -10.67
CA ALA B 46 -25.40 7.17 -10.04
C ALA B 46 -24.18 6.26 -9.95
N SER B 47 -24.41 4.96 -9.89
CA SER B 47 -23.31 4.00 -9.85
C SER B 47 -22.83 3.68 -11.26
N GLY B 48 -23.17 4.53 -12.24
CA GLY B 48 -22.67 4.34 -13.59
C GLY B 48 -23.61 3.55 -14.47
N GLY B 49 -24.84 3.31 -14.03
CA GLY B 49 -25.79 2.64 -14.89
C GLY B 49 -25.32 1.24 -15.29
N SER B 50 -25.47 0.93 -16.58
CA SER B 50 -25.21 -0.41 -17.07
C SER B 50 -23.75 -0.82 -16.89
N GLN B 51 -22.82 0.14 -16.86
CA GLN B 51 -21.43 -0.19 -16.61
C GLN B 51 -21.32 -0.97 -15.31
N PHE B 52 -22.24 -0.73 -14.39
CA PHE B 52 -22.26 -1.47 -13.14
C PHE B 52 -22.56 -2.94 -13.39
N CYS B 53 -23.63 -3.24 -14.14
CA CYS B 53 -23.99 -4.61 -14.43
C CYS B 53 -22.88 -5.31 -15.19
N PHE B 54 -22.37 -4.68 -16.23
CA PHE B 54 -21.25 -5.26 -16.97
C PHE B 54 -20.12 -5.61 -16.02
N GLY B 55 -19.80 -4.70 -15.09
CA GLY B 55 -18.71 -4.98 -14.18
C GLY B 55 -18.95 -6.25 -13.40
N LEU B 56 -20.16 -6.38 -12.84
CA LEU B 56 -20.48 -7.60 -12.11
C LEU B 56 -20.33 -8.82 -13.01
N ILE B 57 -20.81 -8.73 -14.25
CA ILE B 57 -20.66 -9.84 -15.17
C ILE B 57 -19.19 -10.20 -15.29
N CYS B 58 -18.34 -9.20 -15.52
CA CYS B 58 -16.93 -9.46 -15.69
C CYS B 58 -16.38 -10.16 -14.46
N LEU B 59 -16.82 -9.75 -13.27
CA LEU B 59 -16.29 -10.36 -12.06
C LEU B 59 -16.57 -11.85 -12.04
N GLY B 60 -17.75 -12.27 -12.50
CA GLY B 60 -18.02 -13.69 -12.54
C GLY B 60 -17.06 -14.42 -13.46
N LEU B 61 -16.79 -13.84 -14.63
CA LEU B 61 -15.85 -14.48 -15.55
C LEU B 61 -14.45 -14.51 -14.94
N PHE B 62 -14.15 -13.59 -14.03
CA PHE B 62 -12.90 -13.69 -13.28
C PHE B 62 -12.91 -14.93 -12.41
N CYS B 63 -13.96 -15.13 -11.62
CA CYS B 63 -14.04 -16.32 -10.78
C CYS B 63 -14.06 -17.59 -11.62
N LEU B 64 -14.60 -17.50 -12.84
CA LEU B 64 -14.65 -18.66 -13.71
C LEU B 64 -13.25 -19.19 -14.04
N SER B 65 -12.21 -18.37 -13.89
CA SER B 65 -10.86 -18.87 -14.14
C SER B 65 -10.39 -19.85 -13.06
N VAL B 66 -11.00 -19.82 -11.87
CA VAL B 66 -10.56 -20.69 -10.78
C VAL B 66 -10.58 -22.15 -11.20
N LEU B 67 -11.47 -22.51 -12.11
CA LEU B 67 -11.62 -23.91 -12.51
C LEU B 67 -10.42 -24.44 -13.28
N LEU B 68 -9.59 -23.57 -13.86
CA LEU B 68 -8.51 -24.02 -14.73
C LEU B 68 -7.31 -24.58 -13.96
N PHE B 69 -7.15 -24.25 -12.69
CA PHE B 69 -5.89 -24.49 -12.00
C PHE B 69 -5.70 -25.94 -11.56
N PRO B 70 -6.66 -26.56 -10.88
CA PRO B 70 -6.46 -27.92 -10.36
C PRO B 70 -6.56 -28.96 -11.48
N GLY B 71 -6.28 -30.21 -11.12
CA GLY B 71 -6.42 -31.31 -12.05
C GLY B 71 -5.18 -31.56 -12.88
N ARG B 72 -5.30 -32.55 -13.77
CA ARG B 72 -4.21 -32.99 -14.63
C ARG B 72 -3.71 -31.84 -15.49
N PRO B 73 -2.45 -31.41 -15.35
CA PRO B 73 -1.97 -30.28 -16.14
C PRO B 73 -1.93 -30.57 -17.63
N SER B 74 -2.00 -29.49 -18.41
CA SER B 74 -1.68 -29.51 -19.83
C SER B 74 -1.14 -28.15 -20.22
N SER B 75 -0.37 -28.13 -21.33
CA SER B 75 0.25 -26.87 -21.74
C SER B 75 -0.80 -25.81 -22.07
N ALA B 76 -1.89 -26.22 -22.72
CA ALA B 76 -2.98 -25.28 -22.98
C ALA B 76 -3.55 -24.73 -21.69
N SER B 77 -3.75 -25.59 -20.69
CA SER B 77 -4.29 -25.12 -19.41
C SER B 77 -3.34 -24.15 -18.74
N CYS B 78 -2.03 -24.45 -18.76
CA CYS B 78 -1.06 -23.55 -18.17
C CYS B 78 -1.06 -22.20 -18.86
N LEU B 79 -1.14 -22.21 -20.19
CA LEU B 79 -1.21 -20.95 -20.94
C LEU B 79 -2.46 -20.16 -20.56
N ALA B 80 -3.61 -20.86 -20.46
CA ALA B 80 -4.88 -20.18 -20.26
C ALA B 80 -5.04 -19.63 -18.85
N GLN B 81 -4.43 -20.28 -17.85
CA GLN B 81 -4.71 -19.95 -16.46
C GLN B 81 -4.63 -18.45 -16.18
N GLN B 82 -3.45 -17.85 -16.36
CA GLN B 82 -3.29 -16.45 -15.96
C GLN B 82 -4.12 -15.49 -16.80
N PRO B 83 -3.98 -15.48 -18.14
CA PRO B 83 -4.70 -14.46 -18.91
C PRO B 83 -6.21 -14.52 -18.74
N MET B 84 -6.79 -15.72 -18.73
CA MET B 84 -8.23 -15.84 -18.59
C MET B 84 -8.72 -15.51 -17.19
N ALA B 85 -7.81 -15.40 -16.22
CA ALA B 85 -8.15 -14.83 -14.93
C ALA B 85 -8.11 -13.30 -14.98
N HIS B 86 -6.96 -12.75 -15.38
CA HIS B 86 -6.74 -11.32 -15.20
C HIS B 86 -7.47 -10.46 -16.23
N LEU B 87 -7.80 -11.00 -17.42
CA LEU B 87 -8.51 -10.19 -18.41
C LEU B 87 -9.91 -9.85 -17.93
N PRO B 88 -10.74 -10.81 -17.51
CA PRO B 88 -12.00 -10.43 -16.85
C PRO B 88 -11.81 -9.51 -15.66
N LEU B 89 -10.74 -9.73 -14.88
CA LEU B 89 -10.50 -8.87 -13.72
C LEU B 89 -10.30 -7.42 -14.15
N THR B 90 -9.63 -7.23 -15.28
CA THR B 90 -9.44 -5.89 -15.81
C THR B 90 -10.77 -5.34 -16.27
N GLY B 91 -11.59 -6.18 -16.91
CA GLY B 91 -12.89 -5.74 -17.38
C GLY B 91 -13.80 -5.30 -16.25
N CYS B 92 -13.56 -5.83 -15.05
CA CYS B 92 -14.30 -5.36 -13.87
C CYS B 92 -13.67 -4.09 -13.30
N LEU B 93 -12.37 -4.15 -12.99
CA LEU B 93 -11.74 -3.10 -12.20
C LEU B 93 -11.71 -1.75 -12.90
N SER B 94 -11.73 -1.75 -14.24
CA SER B 94 -11.75 -0.47 -14.95
C SER B 94 -12.95 0.38 -14.56
N THR B 95 -14.07 -0.27 -14.23
CA THR B 95 -15.28 0.48 -13.87
C THR B 95 -15.16 1.08 -12.46
N LEU B 96 -14.49 0.38 -11.56
CA LEU B 96 -14.27 0.92 -10.23
C LEU B 96 -13.44 2.17 -10.37
N PHE B 97 -12.41 2.08 -11.21
CA PHE B 97 -11.56 3.24 -11.45
C PHE B 97 -12.36 4.39 -12.01
N LEU B 98 -13.31 4.09 -12.89
CA LEU B 98 -14.12 5.12 -13.51
C LEU B 98 -14.98 5.86 -12.49
N GLN B 99 -15.55 5.13 -11.53
CA GLN B 99 -16.34 5.76 -10.50
C GLN B 99 -15.45 6.55 -9.57
N ALA B 100 -14.23 6.07 -9.34
CA ALA B 100 -13.28 6.82 -8.54
C ALA B 100 -12.96 8.09 -9.27
N ALA B 101 -12.85 8.00 -10.59
CA ALA B 101 -12.58 9.17 -11.39
C ALA B 101 -13.70 10.16 -11.25
N GLU B 102 -14.93 9.67 -11.23
CA GLU B 102 -16.09 10.55 -11.09
C GLU B 102 -16.09 11.29 -9.76
N THR B 103 -15.71 10.61 -8.68
CA THR B 103 -15.62 11.29 -7.39
C THR B 103 -14.52 12.35 -7.39
N PHE B 104 -13.39 12.10 -8.06
CA PHE B 104 -12.34 13.11 -8.12
C PHE B 104 -12.79 14.33 -8.93
N VAL B 105 -13.44 14.11 -10.07
CA VAL B 105 -13.91 15.22 -10.88
C VAL B 105 -14.94 16.02 -10.11
N GLU B 106 -15.76 15.35 -9.29
CA GLU B 106 -16.80 16.07 -8.56
C GLU B 106 -16.22 16.94 -7.45
N SER B 107 -15.34 16.37 -6.60
CA SER B 107 -15.14 16.97 -5.29
C SER B 107 -13.69 17.40 -5.03
N GLU B 108 -12.86 17.48 -6.07
CA GLU B 108 -11.64 18.26 -5.93
C GLU B 108 -11.42 19.18 -7.12
N LEU B 109 -11.85 18.74 -8.30
CA LEU B 109 -11.63 19.51 -9.51
C LEU B 109 -12.54 20.73 -9.54
N PRO B 110 -12.01 21.90 -9.94
CA PRO B 110 -12.86 23.09 -10.00
C PRO B 110 -14.08 22.88 -10.90
N LEU B 111 -15.11 23.68 -10.63
CA LEU B 111 -16.39 23.47 -11.31
C LEU B 111 -16.28 23.69 -12.81
N SER B 112 -15.49 24.67 -13.25
CA SER B 112 -15.46 25.00 -14.67
C SER B 112 -15.00 23.81 -15.50
N TRP B 113 -13.99 23.08 -15.01
CA TRP B 113 -13.61 21.84 -15.67
C TRP B 113 -14.64 20.74 -15.43
N ALA B 114 -15.07 20.59 -14.18
CA ALA B 114 -15.87 19.43 -13.78
C ALA B 114 -17.19 19.35 -14.54
N ASN B 115 -17.87 20.49 -14.69
CA ASN B 115 -19.19 20.45 -15.34
C ASN B 115 -19.10 19.81 -16.71
N TRP B 116 -18.05 20.13 -17.48
CA TRP B 116 -17.86 19.49 -18.77
C TRP B 116 -17.35 18.06 -18.63
N LEU B 117 -16.31 17.88 -17.81
CA LEU B 117 -15.62 16.58 -17.80
C LEU B 117 -16.51 15.46 -17.29
N CYS B 118 -17.40 15.75 -16.34
CA CYS B 118 -18.30 14.72 -15.84
C CYS B 118 -19.22 14.21 -16.94
N SER B 119 -19.74 15.14 -17.76
CA SER B 119 -20.55 14.71 -18.90
C SER B 119 -19.69 14.03 -19.96
N TYR B 120 -18.42 14.41 -20.07
CA TYR B 120 -17.55 13.85 -21.09
C TYR B 120 -17.12 12.43 -20.78
N LEU B 121 -16.93 12.10 -19.50
CA LEU B 121 -16.60 10.73 -19.13
C LEU B 121 -17.75 9.78 -19.43
N ARG B 122 -18.98 10.18 -19.06
CA ARG B 122 -20.12 9.30 -19.20
C ARG B 122 -20.60 9.23 -20.64
N GLY B 123 -21.45 8.24 -20.90
CA GLY B 123 -21.98 8.01 -22.23
C GLY B 123 -21.28 6.87 -22.94
N LEU B 124 -21.17 6.97 -24.27
CA LEU B 124 -20.43 5.98 -25.04
C LEU B 124 -18.97 5.93 -24.60
N TRP B 125 -18.43 7.07 -24.16
CA TRP B 125 -17.00 7.16 -23.87
C TRP B 125 -16.61 6.27 -22.71
N ALA B 126 -17.48 6.12 -21.71
CA ALA B 126 -17.17 5.20 -20.61
C ALA B 126 -17.02 3.77 -21.13
N TRP B 127 -17.94 3.33 -21.99
CA TRP B 127 -17.85 1.99 -22.55
C TRP B 127 -16.56 1.83 -23.35
N LEU B 128 -16.23 2.82 -24.17
CA LEU B 128 -15.03 2.73 -25.00
C LEU B 128 -13.76 2.80 -24.17
N VAL B 129 -13.78 3.49 -23.03
CA VAL B 129 -12.62 3.50 -22.14
C VAL B 129 -12.44 2.14 -21.48
N VAL B 130 -13.55 1.50 -21.08
CA VAL B 130 -13.46 0.13 -20.60
C VAL B 130 -12.84 -0.77 -21.66
N LEU B 131 -13.28 -0.57 -22.91
CA LEU B 131 -12.75 -1.36 -24.02
C LEU B 131 -11.26 -1.10 -24.21
N LEU B 132 -10.83 0.15 -24.06
CA LEU B 132 -9.41 0.49 -24.19
C LEU B 132 -8.57 -0.17 -23.10
N ALA B 133 -9.06 -0.16 -21.86
CA ALA B 133 -8.35 -0.85 -20.79
C ALA B 133 -8.25 -2.34 -21.08
N THR B 134 -9.34 -2.94 -21.56
CA THR B 134 -9.30 -4.35 -21.93
C THR B 134 -8.32 -4.59 -23.07
N PHE B 135 -8.20 -3.62 -23.98
CA PHE B 135 -7.24 -3.74 -25.08
C PHE B 135 -5.81 -3.74 -24.57
N VAL B 136 -5.51 -2.89 -23.59
CA VAL B 136 -4.19 -2.89 -23.01
C VAL B 136 -3.93 -4.26 -22.44
N GLU B 137 -4.84 -4.72 -21.59
CA GLU B 137 -4.66 -6.01 -20.97
C GLU B 137 -4.43 -7.07 -22.02
N ALA B 138 -5.19 -7.07 -23.10
CA ALA B 138 -5.04 -8.09 -24.13
C ALA B 138 -3.68 -8.02 -24.81
N ALA B 139 -3.15 -6.81 -25.00
CA ALA B 139 -1.81 -6.70 -25.58
C ALA B 139 -0.76 -7.31 -24.64
N LEU B 140 -0.87 -7.04 -23.35
CA LEU B 140 0.07 -7.58 -22.39
C LEU B 140 -0.08 -9.10 -22.32
N CYS B 141 -1.30 -9.59 -22.44
CA CYS B 141 -1.55 -11.03 -22.41
C CYS B 141 -0.97 -11.71 -23.65
N ALA B 142 -1.06 -11.07 -24.82
CA ALA B 142 -0.45 -11.63 -26.02
C ALA B 142 1.06 -11.71 -25.87
N TRP B 143 1.67 -10.65 -25.34
CA TRP B 143 3.12 -10.68 -25.12
C TRP B 143 3.49 -11.79 -24.15
N TYR B 144 2.70 -11.97 -23.09
CA TYR B 144 2.96 -13.03 -22.14
C TYR B 144 2.85 -14.41 -22.78
N LEU B 145 1.78 -14.65 -23.52
CA LEU B 145 1.57 -15.98 -24.09
C LEU B 145 2.62 -16.33 -25.12
N ILE B 146 3.09 -15.37 -25.91
CA ILE B 146 4.07 -15.70 -26.94
C ILE B 146 5.47 -15.77 -26.35
N ALA B 147 5.92 -14.71 -25.69
CA ALA B 147 7.33 -14.60 -25.32
C ALA B 147 7.66 -15.23 -23.97
N PHE B 148 6.70 -15.30 -23.06
CA PHE B 148 6.98 -15.81 -21.71
C PHE B 148 5.96 -16.83 -21.21
N PRO B 149 5.65 -17.85 -22.02
CA PRO B 149 4.63 -18.81 -21.58
C PRO B 149 5.15 -19.69 -20.46
N PRO B 150 4.27 -20.20 -19.60
CA PRO B 150 4.70 -21.18 -18.60
C PRO B 150 4.94 -22.54 -19.22
N GLU B 151 5.70 -23.38 -18.51
CA GLU B 151 6.03 -24.72 -18.98
C GLU B 151 5.44 -25.79 -18.08
N VAL B 152 4.86 -26.82 -18.68
CA VAL B 152 4.46 -28.01 -17.95
C VAL B 152 5.72 -28.75 -17.51
N VAL B 153 5.85 -28.98 -16.20
CA VAL B 153 7.01 -29.67 -15.63
C VAL B 153 6.51 -30.97 -15.00
N THR B 154 7.05 -32.08 -15.49
CA THR B 154 7.01 -33.36 -14.79
C THR B 154 8.40 -33.60 -14.22
N ASP B 155 8.50 -33.61 -12.90
CA ASP B 155 9.77 -33.76 -12.20
C ASP B 155 9.82 -35.14 -11.56
N TRP B 156 10.91 -35.87 -11.84
CA TRP B 156 10.98 -37.30 -11.58
C TRP B 156 11.56 -37.65 -10.21
N SER B 157 12.27 -36.73 -9.55
CA SER B 157 12.95 -37.10 -8.31
C SER B 157 12.78 -36.08 -7.20
N VAL B 158 11.92 -35.07 -7.35
CA VAL B 158 11.74 -34.08 -6.29
C VAL B 158 10.98 -34.63 -5.10
N LEU B 159 10.45 -35.85 -5.20
CA LEU B 159 9.69 -36.47 -4.13
C LEU B 159 10.18 -37.90 -3.94
N PRO B 160 9.93 -38.49 -2.77
CA PRO B 160 10.50 -39.81 -2.49
C PRO B 160 9.94 -40.91 -3.37
N THR B 161 8.63 -40.93 -3.62
CA THR B 161 8.02 -42.01 -4.37
C THR B 161 7.04 -41.51 -5.42
N GLU B 162 7.13 -40.25 -5.83
CA GLU B 162 6.18 -39.66 -6.75
C GLU B 162 6.89 -38.81 -7.79
N VAL B 163 6.20 -38.56 -8.89
CA VAL B 163 6.64 -37.62 -9.91
C VAL B 163 5.65 -36.45 -9.93
N LEU B 164 6.19 -35.24 -9.80
CA LEU B 164 5.39 -34.05 -9.54
C LEU B 164 5.05 -33.37 -10.86
N GLU B 165 3.76 -33.14 -11.12
CA GLU B 165 3.31 -32.51 -12.36
C GLU B 165 2.69 -31.16 -12.03
N HIS B 166 3.19 -30.10 -12.66
CA HIS B 166 2.54 -28.80 -12.49
C HIS B 166 3.07 -27.82 -13.54
N CYS B 167 2.30 -26.75 -13.75
CA CYS B 167 2.78 -25.62 -14.53
C CYS B 167 3.79 -24.83 -13.70
N HIS B 168 4.89 -24.41 -14.34
CA HIS B 168 5.87 -23.55 -13.70
C HIS B 168 6.03 -22.28 -14.52
N VAL B 169 6.04 -21.13 -13.84
CA VAL B 169 6.15 -19.86 -14.53
C VAL B 169 7.62 -19.58 -14.80
N ARG B 170 7.93 -19.09 -16.00
CA ARG B 170 9.33 -18.81 -16.38
C ARG B 170 9.98 -17.89 -15.32
N SER B 171 9.53 -16.63 -15.27
CA SER B 171 10.13 -15.65 -14.31
C SER B 171 9.02 -14.88 -13.59
N TRP B 172 9.30 -14.38 -12.39
CA TRP B 172 8.29 -13.55 -11.68
C TRP B 172 7.90 -12.39 -12.59
N VAL B 173 8.81 -12.00 -13.49
CA VAL B 173 8.51 -10.91 -14.47
C VAL B 173 7.32 -11.35 -15.34
N SER B 174 7.34 -12.59 -15.82
CA SER B 174 6.26 -13.05 -16.74
C SER B 174 4.90 -12.96 -16.04
N LEU B 175 4.85 -13.17 -14.71
CA LEU B 175 3.59 -13.04 -14.00
C LEU B 175 3.33 -11.57 -13.74
N GLY B 176 4.38 -10.80 -13.50
CA GLY B 176 4.23 -9.38 -13.28
C GLY B 176 3.62 -8.75 -14.51
N LEU B 177 3.94 -9.29 -15.68
CA LEU B 177 3.38 -8.77 -16.90
C LEU B 177 1.87 -8.86 -16.83
N VAL B 178 1.35 -9.93 -16.25
CA VAL B 178 -0.09 -10.11 -16.21
C VAL B 178 -0.72 -9.35 -15.03
N HIS B 179 0.08 -8.93 -14.05
CA HIS B 179 -0.50 -8.27 -12.88
C HIS B 179 -0.38 -6.76 -12.98
N ILE B 180 0.24 -6.25 -14.03
CA ILE B 180 0.46 -4.82 -14.14
C ILE B 180 -0.81 -4.02 -14.41
N THR B 181 -1.66 -4.46 -15.33
CA THR B 181 -2.82 -3.66 -15.67
C THR B 181 -3.74 -3.49 -14.48
N ASN B 182 -4.04 -4.58 -13.80
CA ASN B 182 -4.94 -4.51 -12.66
C ASN B 182 -4.29 -3.73 -11.54
N ALA B 183 -2.99 -3.92 -11.36
CA ALA B 183 -2.28 -3.19 -10.32
C ALA B 183 -2.34 -1.72 -10.59
N MET B 184 -2.20 -1.34 -11.85
CA MET B 184 -2.23 0.06 -12.23
C MET B 184 -3.60 0.67 -11.98
N LEU B 185 -4.66 -0.04 -12.35
CA LEU B 185 -6.00 0.45 -12.11
C LEU B 185 -6.19 0.70 -10.62
N ALA B 186 -5.69 -0.18 -9.79
CA ALA B 186 -5.91 -0.06 -8.34
C ALA B 186 -5.18 1.15 -7.79
N PHE B 187 -3.94 1.38 -8.24
CA PHE B 187 -3.17 2.53 -7.79
C PHE B 187 -3.89 3.83 -8.12
N LEU B 188 -4.36 3.94 -9.37
CA LEU B 188 -5.08 5.13 -9.80
C LEU B 188 -6.36 5.32 -8.98
N CYS B 189 -7.11 4.24 -8.77
CA CYS B 189 -8.35 4.36 -8.00
C CYS B 189 -8.08 4.83 -6.59
N PHE B 190 -7.08 4.25 -5.92
CA PHE B 190 -6.78 4.65 -4.55
C PHE B 190 -6.36 6.11 -4.51
N LEU B 191 -5.44 6.52 -5.38
CA LEU B 191 -5.01 7.91 -5.38
C LEU B 191 -6.17 8.85 -5.70
N GLY B 192 -7.15 8.39 -6.49
CA GLY B 192 -8.28 9.25 -6.82
C GLY B 192 -9.26 9.40 -5.68
N THR B 193 -9.48 8.34 -4.91
CA THR B 193 -10.52 8.35 -3.88
C THR B 193 -10.00 8.64 -2.48
N PHE B 194 -8.69 8.48 -2.25
CA PHE B 194 -8.20 8.45 -0.87
C PHE B 194 -8.43 9.77 -0.16
N LEU B 195 -8.02 10.89 -0.78
CA LEU B 195 -7.98 12.16 -0.08
C LEU B 195 -9.27 12.97 -0.16
N VAL B 196 -10.24 12.56 -0.99
CA VAL B 196 -11.44 13.37 -1.18
C VAL B 196 -12.40 13.17 -0.01
N GLN B 197 -13.19 14.20 0.28
CA GLN B 197 -14.15 14.19 1.37
C GLN B 197 -15.47 14.80 0.91
N SER B 198 -16.57 14.21 1.37
CA SER B 198 -17.91 14.58 0.92
C SER B 198 -18.59 15.54 1.89
N GLN B 199 -19.62 16.22 1.38
CA GLN B 199 -20.53 16.95 2.23
C GLN B 199 -21.46 15.97 2.95
N PRO B 200 -22.12 16.41 4.02
CA PRO B 200 -23.15 15.57 4.64
C PRO B 200 -24.42 15.54 3.81
N GLY B 201 -25.25 14.54 4.09
CA GLY B 201 -26.51 14.41 3.39
C GLY B 201 -26.39 13.98 1.94
N ARG B 202 -25.24 13.43 1.54
CA ARG B 202 -25.03 12.91 0.20
C ARG B 202 -24.30 11.59 0.30
N TYR B 203 -24.50 10.74 -0.71
CA TYR B 203 -23.95 9.40 -0.66
C TYR B 203 -22.42 9.42 -0.58
N ASN B 204 -21.87 8.52 0.23
CA ASN B 204 -20.44 8.48 0.56
C ASN B 204 -19.72 7.50 -0.37
N ARG B 205 -19.39 7.95 -1.57
CA ARG B 205 -18.82 7.02 -2.54
C ARG B 205 -17.37 6.66 -2.39
N ALA B 206 -16.53 7.61 -1.99
CA ALA B 206 -15.10 7.31 -2.03
C ALA B 206 -14.68 6.25 -1.02
N ARG B 207 -15.42 6.15 0.09
CA ARG B 207 -15.01 5.25 1.17
C ARG B 207 -15.02 3.79 0.71
N GLY B 208 -16.05 3.37 -0.01
CA GLY B 208 -16.13 2.00 -0.45
C GLY B 208 -15.03 1.64 -1.42
N LEU B 209 -14.73 2.56 -2.33
CA LEU B 209 -13.68 2.31 -3.31
C LEU B 209 -12.34 2.22 -2.58
N THR B 210 -12.11 3.07 -1.59
CA THR B 210 -10.87 3.03 -0.83
C THR B 210 -10.72 1.68 -0.14
N PHE B 211 -11.78 1.19 0.51
CA PHE B 211 -11.70 -0.11 1.16
C PHE B 211 -11.50 -1.22 0.15
N ALA B 212 -12.12 -1.12 -1.03
CA ALA B 212 -11.93 -2.12 -2.07
C ALA B 212 -10.47 -2.19 -2.51
N MET B 213 -9.85 -1.03 -2.75
CA MET B 213 -8.46 -1.02 -3.18
C MET B 213 -7.54 -1.56 -2.10
N LEU B 214 -7.80 -1.19 -0.84
CA LEU B 214 -6.96 -1.69 0.25
C LEU B 214 -7.08 -3.20 0.39
N ALA B 215 -8.30 -3.74 0.28
CA ALA B 215 -8.47 -5.18 0.32
C ALA B 215 -7.72 -5.85 -0.82
N TYR B 216 -7.79 -5.27 -2.02
CA TYR B 216 -7.09 -5.85 -3.17
C TYR B 216 -5.59 -5.92 -2.90
N PHE B 217 -5.00 -4.79 -2.51
CA PHE B 217 -3.57 -4.74 -2.26
C PHE B 217 -3.16 -5.72 -1.17
N ILE B 218 -3.91 -5.75 -0.06
CA ILE B 218 -3.54 -6.61 1.04
C ILE B 218 -3.62 -8.08 0.64
N THR B 219 -4.65 -8.45 -0.13
CA THR B 219 -4.79 -9.83 -0.57
C THR B 219 -3.60 -10.24 -1.44
N TRP B 220 -3.33 -9.46 -2.49
CA TRP B 220 -2.25 -9.86 -3.39
C TRP B 220 -0.87 -9.72 -2.76
N VAL B 221 -0.74 -8.94 -1.68
CA VAL B 221 0.54 -8.85 -0.98
C VAL B 221 0.74 -10.05 -0.06
N SER B 222 -0.26 -10.36 0.77
CA SER B 222 -0.19 -11.56 1.60
C SER B 222 -0.04 -12.81 0.74
N PHE B 223 -0.51 -12.78 -0.49
CA PHE B 223 -0.40 -13.94 -1.38
C PHE B 223 1.05 -14.30 -1.71
N VAL B 224 1.98 -13.38 -1.49
CA VAL B 224 3.38 -13.60 -1.87
C VAL B 224 4.09 -14.52 -0.87
N PRO B 225 4.17 -14.16 0.42
CA PRO B 225 4.89 -15.02 1.37
C PRO B 225 4.30 -16.41 1.46
N LEU B 226 2.97 -16.52 1.37
CA LEU B 226 2.33 -17.83 1.41
C LEU B 226 2.72 -18.67 0.19
N LEU B 227 2.72 -18.05 -0.99
CA LEU B 227 3.13 -18.77 -2.19
C LEU B 227 4.60 -19.15 -2.14
N ALA B 228 5.41 -18.36 -1.43
CA ALA B 228 6.82 -18.72 -1.26
C ALA B 228 6.97 -19.89 -0.30
N ASN B 229 6.14 -19.93 0.74
CA ASN B 229 6.26 -20.96 1.76
C ASN B 229 5.59 -22.27 1.36
N VAL B 230 4.50 -22.22 0.59
CA VAL B 230 3.70 -23.41 0.36
C VAL B 230 4.50 -24.44 -0.43
N GLN B 231 4.14 -25.71 -0.26
CA GLN B 231 4.77 -26.80 -1.00
C GLN B 231 4.57 -26.61 -2.49
N VAL B 232 5.51 -27.16 -3.27
CA VAL B 232 5.48 -26.98 -4.71
C VAL B 232 4.19 -27.54 -5.30
N ALA B 233 3.74 -28.70 -4.80
CA ALA B 233 2.54 -29.32 -5.35
C ALA B 233 1.30 -28.47 -5.11
N TYR B 234 1.29 -27.66 -4.06
CA TYR B 234 0.11 -26.93 -3.64
C TYR B 234 0.13 -25.45 -4.05
N GLN B 235 1.07 -25.04 -4.90
CA GLN B 235 1.05 -23.67 -5.39
C GLN B 235 -0.27 -23.28 -6.02
N PRO B 236 -0.93 -24.11 -6.83
CA PRO B 236 -2.22 -23.70 -7.42
C PRO B 236 -3.25 -23.29 -6.38
N ALA B 237 -3.30 -24.00 -5.23
CA ALA B 237 -4.33 -23.73 -4.25
C ALA B 237 -4.27 -22.30 -3.73
N VAL B 238 -3.07 -21.77 -3.53
CA VAL B 238 -2.96 -20.38 -3.08
C VAL B 238 -3.24 -19.41 -4.22
N GLN B 239 -2.98 -19.81 -5.46
CA GLN B 239 -3.40 -18.98 -6.59
C GLN B 239 -4.92 -18.88 -6.62
N MET B 240 -5.60 -20.03 -6.70
CA MET B 240 -7.05 -20.04 -6.70
C MET B 240 -7.60 -19.22 -5.54
N GLY B 241 -7.10 -19.50 -4.33
CA GLY B 241 -7.60 -18.77 -3.18
C GLY B 241 -7.50 -17.28 -3.37
N ALA B 242 -6.34 -16.79 -3.85
CA ALA B 242 -6.19 -15.37 -4.06
C ALA B 242 -7.31 -14.86 -4.97
N ILE B 243 -7.49 -15.53 -6.12
CA ILE B 243 -8.50 -15.10 -7.07
C ILE B 243 -9.86 -15.02 -6.38
N LEU B 244 -10.16 -16.01 -5.55
CA LEU B 244 -11.41 -15.98 -4.81
C LEU B 244 -11.42 -14.81 -3.84
N VAL B 245 -10.44 -14.76 -2.92
CA VAL B 245 -10.51 -13.77 -1.86
C VAL B 245 -10.44 -12.37 -2.46
N CYS B 246 -9.59 -12.18 -3.46
CA CYS B 246 -9.51 -10.89 -4.12
C CYS B 246 -10.90 -10.48 -4.61
N ALA B 247 -11.57 -11.39 -5.31
CA ALA B 247 -12.92 -11.06 -5.78
C ALA B 247 -13.82 -10.73 -4.60
N LEU B 248 -13.75 -11.53 -3.53
CA LEU B 248 -14.55 -11.25 -2.35
C LEU B 248 -14.26 -9.84 -1.84
N GLY B 249 -12.97 -9.47 -1.79
CA GLY B 249 -12.64 -8.15 -1.30
C GLY B 249 -13.31 -7.06 -2.09
N ILE B 250 -13.42 -7.24 -3.41
CA ILE B 250 -14.09 -6.26 -4.24
C ILE B 250 -15.60 -6.28 -3.96
N LEU B 251 -16.18 -7.47 -3.82
CA LEU B 251 -17.62 -7.57 -3.63
C LEU B 251 -18.05 -6.92 -2.32
N VAL B 252 -17.42 -7.30 -1.21
CA VAL B 252 -17.94 -6.95 0.10
C VAL B 252 -17.73 -5.47 0.44
N THR B 253 -16.87 -4.77 -0.30
CA THR B 253 -16.59 -3.38 0.00
C THR B 253 -17.29 -2.39 -0.91
N PHE B 254 -17.64 -2.79 -2.12
CA PHE B 254 -18.22 -1.85 -3.07
C PHE B 254 -19.63 -2.20 -3.51
N HIS B 255 -19.87 -3.45 -3.94
CA HIS B 255 -21.18 -3.79 -4.50
C HIS B 255 -22.19 -4.10 -3.40
N LEU B 256 -21.83 -5.03 -2.51
CA LEU B 256 -22.73 -5.53 -1.49
C LEU B 256 -23.20 -4.42 -0.56
N PRO B 257 -22.35 -3.48 -0.15
CA PRO B 257 -22.86 -2.37 0.67
C PRO B 257 -23.84 -1.47 -0.07
N LYS B 258 -23.84 -1.50 -1.40
CA LYS B 258 -24.84 -0.76 -2.16
C LYS B 258 -26.12 -1.57 -2.18
N CYS B 259 -26.06 -2.87 -2.48
CA CYS B 259 -27.25 -3.71 -2.40
C CYS B 259 -27.89 -3.64 -1.02
N TYR B 260 -27.06 -3.45 0.01
CA TYR B 260 -27.56 -3.31 1.37
C TYR B 260 -28.52 -2.14 1.48
N VAL B 261 -28.15 -0.99 0.92
CA VAL B 261 -29.05 0.16 0.90
C VAL B 261 -30.26 -0.13 0.03
N LEU B 262 -30.04 -0.76 -1.12
CA LEU B 262 -31.14 -1.03 -2.05
C LEU B 262 -32.25 -1.80 -1.37
N LEU B 263 -31.89 -2.81 -0.57
CA LEU B 263 -32.90 -3.66 0.05
C LEU B 263 -33.40 -3.13 1.40
N TRP B 264 -32.50 -2.65 2.26
CA TRP B 264 -32.86 -2.42 3.65
C TRP B 264 -33.03 -0.96 4.04
N LEU B 265 -32.72 -0.02 3.15
CA LEU B 265 -32.85 1.39 3.48
C LEU B 265 -33.25 2.17 2.23
N PRO B 266 -34.36 1.81 1.58
CA PRO B 266 -34.65 2.35 0.24
C PRO B 266 -34.95 3.84 0.21
N LYS B 267 -35.22 4.48 1.36
CA LYS B 267 -35.50 5.92 1.35
C LYS B 267 -34.35 6.70 0.73
N LEU B 268 -33.12 6.18 0.84
CA LEU B 268 -31.96 6.86 0.28
C LEU B 268 -31.93 6.83 -1.24
N ASN B 269 -32.69 5.93 -1.87
CA ASN B 269 -32.72 5.83 -3.33
C ASN B 269 -33.52 7.00 -3.91
N THR B 270 -33.05 8.21 -3.63
CA THR B 270 -33.70 9.44 -4.03
C THR B 270 -32.73 10.32 -4.80
N GLN B 271 -33.27 11.05 -5.78
CA GLN B 271 -32.48 11.79 -6.76
C GLN B 271 -31.33 12.59 -6.15
N GLU B 272 -31.65 13.54 -5.29
CA GLU B 272 -30.64 14.48 -4.83
C GLU B 272 -29.75 13.93 -3.71
N PHE B 273 -30.07 12.75 -3.17
CA PHE B 273 -29.10 12.10 -2.29
C PHE B 273 -27.87 11.64 -3.06
N PHE B 274 -28.03 11.36 -4.35
CA PHE B 274 -26.91 11.03 -5.22
C PHE B 274 -26.49 12.17 -6.12
N LEU B 275 -27.43 13.04 -6.53
CA LEU B 275 -27.13 14.11 -7.47
C LEU B 275 -27.23 15.47 -6.80
#